data_7TUL
#
_entry.id   7TUL
#
_entity_poly.entity_id   1
_entity_poly.type   'polypeptide(L)'
_entity_poly.pdbx_seq_one_letter_code
;MSPSSLLGLLAGLQVVYFLWTKILTIAQNLDWWWTSLSFPGGIPECTGQNSQFQTCKHLPTSCPPTCNGFRWMYLRRFII
YLLVLLLCLIFLLVLLDWKGFIPVCPLQPTTETTVNCRQCTISAQDMYTPPYCCCLKPTAGNCTCWPIPSSWALGNYLWE
WALARFSWLNLLVPLLQWLGGISLIAWFLLIWMIWFWGPALLSILPPFIPIFVLFFLIWVYI
;
_entity_poly.pdbx_strand_id   B,A
#
# COMPACT_ATOMS: atom_id res chain seq x y z
N MET A 1 -0.64 -10.44 -44.63
CA MET A 1 -0.03 -9.72 -43.51
C MET A 1 0.85 -10.59 -42.57
N SER A 2 0.48 -11.80 -42.25
CA SER A 2 0.89 -12.44 -40.97
C SER A 2 2.39 -12.57 -40.66
N PRO A 3 3.32 -12.83 -41.62
CA PRO A 3 4.66 -13.27 -41.21
C PRO A 3 5.40 -12.26 -40.33
N SER A 4 5.36 -10.96 -40.67
CA SER A 4 6.00 -9.94 -39.85
C SER A 4 5.23 -9.64 -38.56
N SER A 5 3.93 -9.43 -38.69
CA SER A 5 3.08 -9.02 -37.57
C SER A 5 2.99 -10.10 -36.51
N LEU A 6 2.68 -11.33 -36.91
CA LEU A 6 2.65 -12.47 -36.01
C LEU A 6 3.98 -12.68 -35.33
N LEU A 7 5.09 -12.69 -36.10
CA LEU A 7 6.40 -12.92 -35.53
C LEU A 7 6.71 -11.92 -34.43
N GLY A 8 6.51 -10.62 -34.70
CA GLY A 8 6.76 -9.59 -33.69
C GLY A 8 5.84 -9.69 -32.45
N LEU A 9 4.54 -9.90 -32.68
CA LEU A 9 3.56 -10.00 -31.61
C LEU A 9 3.77 -11.25 -30.74
N LEU A 10 4.01 -12.41 -31.33
CA LEU A 10 4.23 -13.65 -30.59
C LEU A 10 5.50 -13.59 -29.76
N ALA A 11 6.58 -12.99 -30.27
CA ALA A 11 7.81 -12.84 -29.51
C ALA A 11 7.58 -11.96 -28.26
N GLY A 12 6.94 -10.80 -28.43
CA GLY A 12 6.61 -9.92 -27.31
C GLY A 12 5.70 -10.59 -26.27
N LEU A 13 4.59 -11.18 -26.71
CA LEU A 13 3.69 -11.93 -25.81
C LEU A 13 4.39 -13.07 -25.06
N GLN A 14 5.27 -13.82 -25.76
CA GLN A 14 5.95 -14.99 -25.23
C GLN A 14 6.77 -14.61 -24.02
N VAL A 15 7.58 -13.56 -24.16
CA VAL A 15 8.36 -13.02 -23.06
C VAL A 15 7.43 -12.58 -21.95
N VAL A 16 6.39 -11.82 -22.30
CA VAL A 16 5.48 -11.25 -21.29
C VAL A 16 4.86 -12.33 -20.45
N TYR A 17 4.27 -13.40 -21.02
CA TYR A 17 3.61 -14.40 -20.16
C TYR A 17 4.63 -15.21 -19.36
N PHE A 18 5.83 -15.44 -19.89
CA PHE A 18 6.92 -15.98 -19.12
C PHE A 18 7.25 -15.09 -17.94
N LEU A 19 7.41 -13.80 -18.14
CA LEU A 19 7.64 -12.89 -17.02
C LEU A 19 6.44 -12.85 -16.11
N TRP A 20 5.22 -12.95 -16.62
CA TRP A 20 4.00 -12.82 -15.82
C TRP A 20 3.84 -14.04 -14.93
N THR A 21 4.12 -15.21 -15.46
CA THR A 21 4.15 -16.45 -14.67
C THR A 21 5.33 -16.42 -13.72
N LYS A 22 6.46 -15.79 -14.05
CA LYS A 22 7.53 -15.54 -13.10
C LYS A 22 7.06 -14.62 -11.98
N ILE A 23 6.38 -13.53 -12.32
CA ILE A 23 5.90 -12.52 -11.38
C ILE A 23 4.84 -13.14 -10.46
N LEU A 24 3.96 -13.92 -11.05
CA LEU A 24 3.02 -14.68 -10.30
C LEU A 24 3.78 -15.61 -9.41
N THR A 25 4.76 -16.38 -9.85
CA THR A 25 5.43 -17.35 -8.98
C THR A 25 6.21 -16.65 -7.89
N ILE A 26 6.78 -15.47 -8.15
CA ILE A 26 7.39 -14.62 -7.10
C ILE A 26 6.36 -14.26 -6.02
N ALA A 27 5.22 -13.76 -6.50
CA ALA A 27 4.15 -13.37 -5.63
C ALA A 27 3.53 -14.56 -4.93
N GLN A 28 3.41 -15.68 -5.60
CA GLN A 28 2.73 -16.82 -5.07
C GLN A 28 3.47 -17.26 -3.84
N ASN A 29 4.78 -17.37 -3.96
CA ASN A 29 5.62 -17.70 -2.81
C ASN A 29 5.52 -16.58 -1.78
N LEU A 30 5.71 -15.34 -2.18
CA LEU A 30 5.78 -14.21 -1.26
C LEU A 30 4.58 -14.15 -0.38
N ASP A 31 3.43 -14.24 -1.03
CA ASP A 31 2.14 -14.15 -0.40
C ASP A 31 2.04 -15.30 0.59
N TRP A 32 2.41 -16.49 0.15
CA TRP A 32 2.42 -17.60 1.07
C TRP A 32 3.33 -17.26 2.19
N TRP A 33 4.54 -16.82 1.96
CA TRP A 33 5.54 -16.64 3.00
C TRP A 33 5.01 -15.73 4.06
N TRP A 34 4.44 -14.60 3.72
CA TRP A 34 3.89 -13.72 4.71
C TRP A 34 2.86 -14.45 5.60
N THR A 35 1.89 -15.11 4.98
CA THR A 35 0.89 -15.79 5.77
C THR A 35 1.50 -16.98 6.48
N SER A 36 2.49 -17.56 5.87
CA SER A 36 3.26 -18.67 6.35
C SER A 36 3.86 -18.29 7.69
N LEU A 37 4.17 -17.02 7.89
CA LEU A 37 4.65 -16.54 9.16
C LEU A 37 3.64 -16.91 10.22
N SER A 38 2.37 -16.69 9.92
CA SER A 38 1.35 -17.19 10.82
C SER A 38 1.29 -18.72 10.87
N ASN A 68 -14.30 -17.95 -4.37
CA ASN A 68 -14.08 -16.57 -3.96
C ASN A 68 -12.82 -16.37 -3.12
N GLY A 69 -12.42 -17.37 -2.32
CA GLY A 69 -11.10 -17.36 -1.67
C GLY A 69 -9.92 -17.34 -2.66
N PHE A 70 -9.98 -18.06 -3.77
CA PHE A 70 -8.94 -18.04 -4.81
C PHE A 70 -8.99 -16.75 -5.61
N ARG A 71 -10.18 -16.29 -5.97
CA ARG A 71 -10.35 -14.94 -6.53
C ARG A 71 -9.78 -13.91 -5.55
N TRP A 72 -9.96 -14.10 -4.25
CA TRP A 72 -9.35 -13.22 -3.25
C TRP A 72 -7.87 -13.47 -3.25
N MET A 73 -7.35 -14.66 -3.41
CA MET A 73 -5.91 -14.90 -3.44
C MET A 73 -5.24 -14.22 -4.63
N TYR A 74 -5.84 -14.26 -5.78
CA TYR A 74 -5.42 -13.43 -6.86
C TYR A 74 -5.58 -11.95 -6.51
N LEU A 75 -6.73 -11.52 -6.01
CA LEU A 75 -6.99 -10.11 -5.82
C LEU A 75 -6.06 -9.53 -4.76
N ARG A 76 -5.80 -10.27 -3.70
CA ARG A 76 -4.87 -9.97 -2.65
C ARG A 76 -3.51 -9.80 -3.30
N ARG A 77 -3.11 -10.72 -4.18
CA ARG A 77 -1.86 -10.56 -4.86
C ARG A 77 -1.93 -9.32 -5.69
N PHE A 78 -2.98 -9.09 -6.44
CA PHE A 78 -3.05 -7.95 -7.30
C PHE A 78 -2.91 -6.67 -6.49
N ILE A 79 -3.53 -6.63 -5.32
CA ILE A 79 -3.40 -5.55 -4.35
C ILE A 79 -1.95 -5.45 -3.90
N ILE A 80 -1.30 -6.57 -3.62
CA ILE A 80 0.11 -6.56 -3.33
C ILE A 80 0.86 -5.98 -4.53
N TYR A 81 0.56 -6.34 -5.76
CA TYR A 81 1.23 -5.78 -6.90
C TYR A 81 0.97 -4.29 -6.98
N LEU A 82 -0.21 -3.86 -6.53
CA LEU A 82 -0.50 -2.43 -6.46
C LEU A 82 0.37 -1.82 -5.36
N LEU A 83 0.54 -2.47 -4.23
CA LEU A 83 1.36 -1.90 -3.20
C LEU A 83 2.78 -1.82 -3.69
N VAL A 84 3.26 -2.86 -4.32
CA VAL A 84 4.57 -2.89 -4.92
C VAL A 84 4.66 -1.77 -5.93
N LEU A 85 3.66 -1.53 -6.75
CA LEU A 85 3.72 -0.49 -7.76
C LEU A 85 3.88 0.88 -7.09
N LEU A 86 3.05 1.08 -6.08
CA LEU A 86 3.04 2.32 -5.35
C LEU A 86 4.38 2.51 -4.66
N LEU A 87 4.83 1.50 -3.95
CA LEU A 87 6.12 1.45 -3.28
C LEU A 87 7.25 1.69 -4.25
N CYS A 88 7.20 1.22 -5.48
CA CYS A 88 8.23 1.55 -6.42
C CYS A 88 8.20 3.05 -6.68
N LEU A 89 7.05 3.61 -6.98
CA LEU A 89 6.93 5.05 -7.21
C LEU A 89 7.41 5.85 -6.01
N ILE A 90 6.95 5.49 -4.82
CA ILE A 90 7.28 6.14 -3.59
C ILE A 90 8.75 5.99 -3.34
N PHE A 91 9.31 4.80 -3.50
CA PHE A 91 10.72 4.59 -3.27
C PHE A 91 11.58 5.50 -4.20
N LEU A 92 11.19 5.59 -5.47
CA LEU A 92 11.79 6.52 -6.39
C LEU A 92 11.59 7.93 -5.91
N LEU A 93 10.38 8.36 -5.55
CA LEU A 93 10.15 9.75 -5.13
C LEU A 93 11.01 10.12 -3.93
N VAL A 94 11.14 9.21 -2.97
CA VAL A 94 11.91 9.47 -1.75
C VAL A 94 13.42 9.59 -2.05
N LEU A 95 13.90 8.70 -2.90
CA LEU A 95 15.27 8.78 -3.42
C LEU A 95 15.49 10.09 -4.15
N LEU A 96 14.57 10.49 -5.02
CA LEU A 96 14.75 11.66 -5.87
C LEU A 96 14.72 12.97 -5.11
N ASP A 97 13.94 13.13 -4.04
CA ASP A 97 14.11 14.33 -3.20
C ASP A 97 15.49 14.36 -2.55
N TRP A 98 15.91 13.29 -1.89
CA TRP A 98 17.25 13.20 -1.30
C TRP A 98 18.36 13.42 -2.34
N LYS A 99 18.21 12.87 -3.56
CA LYS A 99 19.09 13.11 -4.71
C LYS A 99 19.04 14.58 -5.13
N ALA A 153 12.52 18.93 -0.25
CA ALA A 153 11.19 19.42 -0.59
C ALA A 153 10.20 18.96 0.50
N LEU A 154 10.45 17.73 0.97
CA LEU A 154 9.91 17.13 2.19
C LEU A 154 10.11 17.99 3.43
N GLY A 155 11.32 18.44 3.73
CA GLY A 155 11.56 19.35 4.83
C GLY A 155 10.73 20.62 4.67
N ASN A 156 10.72 21.23 3.49
CA ASN A 156 9.96 22.48 3.28
C ASN A 156 8.44 22.28 3.45
N TYR A 157 7.89 21.16 2.96
CA TYR A 157 6.48 20.81 3.20
C TYR A 157 6.22 20.51 4.69
N LEU A 158 7.14 19.82 5.36
CA LEU A 158 7.12 19.66 6.82
C LEU A 158 7.19 20.99 7.56
N TRP A 159 7.85 22.04 7.05
CA TRP A 159 7.82 23.38 7.66
C TRP A 159 6.44 24.04 7.54
N GLU A 160 5.66 23.80 6.48
CA GLU A 160 4.25 24.21 6.46
C GLU A 160 3.45 23.49 7.59
N TRP A 161 3.63 22.17 7.70
CA TRP A 161 3.09 21.42 8.84
C TRP A 161 3.62 21.93 10.18
N ALA A 162 4.85 22.44 10.27
CA ALA A 162 5.43 23.01 11.49
C ALA A 162 4.63 24.21 12.01
N LEU A 163 3.99 25.02 11.16
CA LEU A 163 3.08 26.06 11.64
C LEU A 163 1.87 25.48 12.39
N ALA A 164 1.33 24.34 11.96
CA ALA A 164 0.28 23.64 12.74
C ALA A 164 0.84 22.94 14.00
N ARG A 165 1.95 22.23 13.83
CA ARG A 165 2.68 21.36 14.76
C ARG A 165 3.46 22.01 15.89
N PHE A 166 3.78 23.30 15.83
CA PHE A 166 4.96 23.91 16.45
C PHE A 166 5.22 23.59 17.93
N SER A 167 4.23 23.36 18.78
CA SER A 167 4.50 22.87 20.16
C SER A 167 5.14 21.48 20.19
N TRP A 168 4.57 20.50 19.49
CA TRP A 168 5.16 19.18 19.33
C TRP A 168 6.44 19.22 18.50
N LEU A 169 6.54 20.09 17.50
CA LEU A 169 7.77 20.26 16.73
C LEU A 169 8.93 20.82 17.58
N ASN A 170 8.66 21.65 18.59
CA ASN A 170 9.70 22.06 19.54
C ASN A 170 10.25 20.85 20.34
N LEU A 171 9.46 19.82 20.63
CA LEU A 171 9.98 18.55 21.20
C LEU A 171 10.77 17.73 20.17
N LEU A 172 10.36 17.75 18.90
CA LEU A 172 11.08 17.13 17.79
C LEU A 172 12.45 17.79 17.53
N VAL A 173 12.60 19.09 17.74
CA VAL A 173 13.88 19.80 17.55
C VAL A 173 15.02 19.21 18.41
N PRO A 174 14.86 18.97 19.73
CA PRO A 174 15.83 18.21 20.49
C PRO A 174 16.05 16.78 19.97
N LEU A 175 15.01 16.05 19.56
CA LEU A 175 15.21 14.70 18.99
C LEU A 175 16.08 14.74 17.71
N LEU A 176 15.82 15.67 16.80
CA LEU A 176 16.63 15.90 15.60
C LEU A 176 18.06 16.34 15.94
N GLN A 177 18.31 16.82 17.16
CA GLN A 177 19.67 16.84 17.71
C GLN A 177 20.24 15.47 18.12
N TRP A 178 19.45 14.52 18.63
CA TRP A 178 19.95 13.15 18.84
C TRP A 178 20.03 12.35 17.54
N LEU A 179 19.03 12.41 16.67
CA LEU A 179 18.93 11.64 15.43
C LEU A 179 19.92 12.07 14.34
N GLY A 180 20.47 13.28 14.44
CA GLY A 180 21.74 13.61 13.80
C GLY A 180 22.93 13.33 14.72
N GLY A 181 22.84 13.71 16.00
CA GLY A 181 23.98 13.81 16.90
C GLY A 181 24.62 12.49 17.26
N ILE A 182 23.86 11.64 17.95
CA ILE A 182 24.35 10.30 18.30
C ILE A 182 24.27 9.34 17.09
N SER A 183 23.93 9.83 15.89
CA SER A 183 23.29 9.02 14.84
C SER A 183 24.05 7.76 14.42
N LEU A 184 25.34 7.86 14.15
CA LEU A 184 26.15 6.70 13.75
C LEU A 184 26.21 5.66 14.87
N ILE A 185 26.45 6.14 16.09
CA ILE A 185 26.52 5.31 17.30
C ILE A 185 25.17 4.62 17.51
N ALA A 186 24.10 5.40 17.49
CA ALA A 186 22.76 4.93 17.77
C ALA A 186 22.30 3.90 16.75
N TRP A 187 22.70 4.04 15.48
CA TRP A 187 22.33 3.07 14.47
C TRP A 187 22.79 1.66 14.86
N PHE A 188 24.06 1.48 15.23
CA PHE A 188 24.47 0.13 15.66
C PHE A 188 23.94 -0.24 17.04
N LEU A 189 24.18 0.64 18.01
CA LEU A 189 24.05 0.29 19.41
C LEU A 189 22.59 0.18 19.81
N LEU A 190 21.84 1.22 19.46
CA LEU A 190 20.48 1.30 19.87
C LEU A 190 19.68 0.24 19.15
N ILE A 191 19.87 0.05 17.85
CA ILE A 191 19.02 -0.90 17.14
C ILE A 191 19.15 -2.31 17.71
N TRP A 192 20.36 -2.74 18.10
CA TRP A 192 20.49 -4.03 18.79
C TRP A 192 19.85 -4.00 20.19
N MET A 193 20.16 -2.97 20.98
CA MET A 193 19.67 -2.87 22.35
C MET A 193 18.14 -2.95 22.36
N ILE A 194 17.51 -2.15 21.51
CA ILE A 194 16.09 -2.16 21.32
C ILE A 194 15.62 -3.45 20.72
N TRP A 195 16.35 -4.18 19.88
CA TRP A 195 15.77 -5.37 19.27
C TRP A 195 15.21 -6.34 20.29
N PHE A 196 16.00 -6.71 21.30
CA PHE A 196 15.50 -7.58 22.39
C PHE A 196 14.55 -6.79 23.31
N TRP A 197 14.81 -5.50 23.43
CA TRP A 197 13.77 -4.59 23.88
C TRP A 197 12.48 -4.67 23.04
N GLY A 198 12.44 -5.18 21.81
CA GLY A 198 11.24 -5.30 21.00
C GLY A 198 10.29 -6.32 21.64
N PRO A 199 10.77 -7.52 21.97
CA PRO A 199 10.00 -8.40 22.82
C PRO A 199 9.72 -7.74 24.18
N ALA A 200 10.68 -7.02 24.75
CA ALA A 200 10.43 -6.30 25.99
C ALA A 200 9.35 -5.23 25.80
N LEU A 201 9.23 -4.60 24.65
CA LEU A 201 8.26 -3.55 24.38
C LEU A 201 6.91 -4.18 24.31
N LEU A 202 6.79 -5.30 23.62
CA LEU A 202 5.53 -6.00 23.52
C LEU A 202 5.06 -6.40 24.90
N SER A 203 5.94 -6.95 25.70
CA SER A 203 5.54 -7.36 27.03
C SER A 203 5.30 -6.15 27.94
N ILE A 204 6.10 -5.09 27.82
CA ILE A 204 6.01 -3.88 28.64
C ILE A 204 4.83 -3.01 28.23
N LEU A 205 4.45 -2.99 26.97
CA LEU A 205 3.35 -2.22 26.41
C LEU A 205 2.11 -2.22 27.31
N PRO A 206 1.61 -3.38 27.77
CA PRO A 206 0.40 -3.38 28.60
C PRO A 206 0.55 -2.62 29.95
N PRO A 207 1.58 -2.87 30.80
CA PRO A 207 1.91 -1.98 31.93
C PRO A 207 2.29 -0.55 31.53
N PHE A 208 2.93 -0.35 30.38
CA PHE A 208 3.26 0.98 29.90
C PHE A 208 2.02 1.82 29.58
N ILE A 209 0.90 1.25 29.14
CA ILE A 209 -0.32 2.03 28.88
C ILE A 209 -0.78 2.78 30.13
N PRO A 210 -0.90 2.17 31.34
CA PRO A 210 -1.06 2.94 32.57
C PRO A 210 0.06 3.95 32.86
N ILE A 211 1.32 3.66 32.57
CA ILE A 211 2.43 4.63 32.74
C ILE A 211 2.31 5.82 31.78
N PHE A 212 1.83 5.62 30.56
CA PHE A 212 1.59 6.67 29.58
C PHE A 212 0.39 7.55 29.99
N VAL A 213 -0.64 6.96 30.60
CA VAL A 213 -1.72 7.72 31.24
C VAL A 213 -1.18 8.55 32.42
N LEU A 214 -0.29 8.01 33.25
CA LEU A 214 0.36 8.78 34.32
C LEU A 214 1.20 9.94 33.75
N PHE A 215 2.00 9.69 32.71
CA PHE A 215 2.79 10.71 32.00
C PHE A 215 1.89 11.82 31.43
N PHE A 216 0.77 11.46 30.82
CA PHE A 216 -0.26 12.39 30.35
C PHE A 216 -0.85 13.22 31.51
N LEU A 217 -1.19 12.61 32.65
CA LEU A 217 -1.66 13.34 33.83
C LEU A 217 -0.60 14.32 34.36
N ILE A 218 0.69 13.94 34.34
CA ILE A 218 1.81 14.83 34.67
C ILE A 218 1.88 15.98 33.66
N TRP A 219 1.75 15.72 32.35
CA TRP A 219 1.78 16.73 31.29
C TRP A 219 0.61 17.74 31.40
N VAL A 220 -0.57 17.27 31.83
CA VAL A 220 -1.72 18.11 32.18
C VAL A 220 -1.46 18.91 33.46
N TYR A 221 -0.79 18.33 34.46
CA TYR A 221 -0.50 18.95 35.75
C TYR A 221 0.57 20.05 35.69
N ILE A 222 1.68 19.85 34.97
CA ILE A 222 2.82 20.78 34.90
C ILE A 222 3.47 20.86 33.51
N MET B 1 -12.28 25.35 30.59
CA MET B 1 -12.71 24.56 29.41
C MET B 1 -14.01 23.80 29.73
N SER B 2 -15.04 23.98 28.92
CA SER B 2 -16.44 23.60 29.20
C SER B 2 -16.69 22.09 29.36
N PRO B 3 -17.75 21.65 30.09
CA PRO B 3 -18.13 20.23 30.22
C PRO B 3 -18.58 19.61 28.89
N SER B 4 -19.19 20.35 27.98
CA SER B 4 -19.51 19.88 26.62
C SER B 4 -18.24 19.53 25.82
N SER B 5 -17.13 20.26 26.01
CA SER B 5 -15.84 19.90 25.40
C SER B 5 -15.27 18.60 26.01
N LEU B 6 -15.56 18.37 27.30
CA LEU B 6 -15.21 17.11 27.95
C LEU B 6 -16.03 15.92 27.42
N LEU B 7 -17.32 16.10 27.12
CA LEU B 7 -18.16 15.06 26.51
C LEU B 7 -17.64 14.65 25.12
N GLY B 8 -17.17 15.64 24.32
CA GLY B 8 -16.47 15.41 23.06
C GLY B 8 -15.13 14.72 23.28
N LEU B 9 -14.38 15.06 24.32
CA LEU B 9 -13.13 14.40 24.65
C LEU B 9 -13.38 12.93 24.99
N LEU B 10 -14.45 12.60 25.72
CA LEU B 10 -14.87 11.25 26.01
C LEU B 10 -15.16 10.45 24.75
N ALA B 11 -15.80 11.04 23.74
CA ALA B 11 -15.89 10.38 22.42
C ALA B 11 -14.47 10.19 21.83
N GLY B 12 -13.57 11.12 22.03
CA GLY B 12 -12.16 10.94 21.72
C GLY B 12 -11.51 9.78 22.48
N LEU B 13 -11.94 9.47 23.71
CA LEU B 13 -11.42 8.32 24.46
C LEU B 13 -11.92 7.00 23.86
N GLN B 14 -13.15 6.93 23.37
CA GLN B 14 -13.47 5.79 22.52
C GLN B 14 -12.65 5.84 21.23
N VAL B 15 -12.31 6.99 20.65
CA VAL B 15 -11.41 7.00 19.50
C VAL B 15 -10.03 6.44 19.84
N VAL B 16 -9.47 6.70 21.01
CA VAL B 16 -8.21 6.04 21.41
C VAL B 16 -8.34 4.53 21.42
N TYR B 17 -9.37 4.03 22.06
CA TYR B 17 -9.64 2.62 22.17
C TYR B 17 -9.90 2.00 20.78
N PHE B 18 -10.68 2.70 19.98
CA PHE B 18 -10.96 2.31 18.64
C PHE B 18 -9.69 2.29 17.80
N LEU B 19 -8.75 3.20 17.97
CA LEU B 19 -7.50 3.14 17.26
C LEU B 19 -6.69 1.91 17.65
N TRP B 20 -6.51 1.67 18.95
CA TRP B 20 -5.71 0.50 19.33
C TRP B 20 -6.28 -0.81 18.76
N THR B 21 -7.57 -0.99 18.96
CA THR B 21 -8.26 -2.18 18.48
C THR B 21 -8.30 -2.19 16.95
N LYS B 22 -8.36 -1.04 16.26
CA LYS B 22 -8.34 -0.99 14.80
C LYS B 22 -7.13 -1.71 14.23
N ILE B 23 -5.96 -1.63 14.88
CA ILE B 23 -4.80 -2.41 14.41
C ILE B 23 -5.12 -3.92 14.36
N LEU B 24 -5.64 -4.44 15.46
CA LEU B 24 -5.91 -5.86 15.53
C LEU B 24 -6.99 -6.24 14.53
N THR B 25 -7.95 -5.37 14.28
CA THR B 25 -9.03 -5.71 13.36
C THR B 25 -8.46 -5.91 11.96
N ILE B 26 -7.48 -5.10 11.57
CA ILE B 26 -6.89 -5.27 10.27
C ILE B 26 -6.37 -6.70 10.15
N ALA B 27 -5.63 -7.16 11.17
CA ALA B 27 -5.11 -8.52 11.14
C ALA B 27 -6.24 -9.53 10.95
N GLN B 28 -7.31 -9.38 11.69
CA GLN B 28 -8.45 -10.28 11.61
C GLN B 28 -9.00 -10.31 10.18
N ASN B 29 -9.10 -9.16 9.53
CA ASN B 29 -9.63 -9.10 8.17
C ASN B 29 -8.74 -9.91 7.23
N LEU B 30 -7.44 -9.70 7.35
CA LEU B 30 -6.44 -10.38 6.58
C LEU B 30 -6.53 -11.89 6.81
N ASP B 31 -6.93 -12.36 7.97
CA ASP B 31 -6.78 -13.78 8.31
C ASP B 31 -7.69 -14.67 7.46
N TRP B 32 -8.92 -14.32 7.36
CA TRP B 32 -9.84 -14.75 6.24
C TRP B 32 -9.46 -14.28 4.96
N TRP B 33 -8.75 -13.18 4.81
CA TRP B 33 -8.31 -12.85 3.47
C TRP B 33 -7.44 -13.96 2.93
N TRP B 34 -6.48 -14.43 3.70
CA TRP B 34 -5.64 -15.54 3.26
C TRP B 34 -6.47 -16.79 3.24
N THR B 35 -7.21 -17.11 4.30
CA THR B 35 -7.90 -18.40 4.35
C THR B 35 -9.05 -18.51 3.36
N SER B 36 -9.65 -17.40 2.92
CA SER B 36 -10.48 -17.47 1.71
C SER B 36 -9.69 -17.63 0.41
N LEU B 37 -8.69 -16.76 0.18
CA LEU B 37 -8.05 -16.57 -1.13
C LEU B 37 -7.06 -17.69 -1.54
N ASN B 68 4.25 -19.49 21.28
CA ASN B 68 5.17 -18.96 20.27
C ASN B 68 4.58 -17.86 19.38
N GLY B 69 3.25 -17.76 19.23
CA GLY B 69 2.64 -17.02 18.14
C GLY B 69 2.98 -15.52 18.06
N PHE B 70 3.46 -14.91 19.15
CA PHE B 70 4.09 -13.58 19.15
C PHE B 70 5.09 -13.44 17.99
N ARG B 71 5.95 -14.44 17.81
CA ARG B 71 7.07 -14.40 16.88
C ARG B 71 6.63 -13.95 15.49
N TRP B 72 5.51 -14.47 15.00
CA TRP B 72 4.94 -14.08 13.73
C TRP B 72 3.92 -12.93 13.85
N MET B 73 3.01 -13.03 14.81
CA MET B 73 1.92 -12.06 15.01
C MET B 73 2.48 -10.65 15.13
N TYR B 74 3.53 -10.50 15.94
CA TYR B 74 4.14 -9.22 16.21
C TYR B 74 4.63 -8.63 14.93
N LEU B 75 5.45 -9.36 14.19
CA LEU B 75 6.01 -8.83 12.97
C LEU B 75 4.88 -8.44 12.01
N ARG B 76 3.82 -9.26 11.98
CA ARG B 76 2.72 -9.00 11.08
C ARG B 76 2.05 -7.68 11.44
N ARG B 77 1.84 -7.39 12.72
CA ARG B 77 1.30 -6.08 13.03
C ARG B 77 2.24 -4.93 12.67
N PHE B 78 3.54 -5.09 12.75
CA PHE B 78 4.42 -4.06 12.26
C PHE B 78 4.19 -3.79 10.79
N ILE B 79 3.98 -4.83 9.98
CA ILE B 79 3.76 -4.65 8.54
C ILE B 79 2.46 -3.93 8.30
N ILE B 80 1.47 -4.24 9.14
CA ILE B 80 0.25 -3.45 9.12
C ILE B 80 0.60 -1.99 9.43
N TYR B 81 1.34 -1.69 10.47
CA TYR B 81 1.74 -0.33 10.74
C TYR B 81 2.30 0.32 9.47
N LEU B 82 3.22 -0.34 8.80
CA LEU B 82 3.91 0.24 7.66
C LEU B 82 2.91 0.53 6.55
N LEU B 83 1.99 -0.40 6.33
CA LEU B 83 0.91 -0.20 5.40
C LEU B 83 0.03 0.95 5.84
N VAL B 84 -0.26 1.12 7.12
CA VAL B 84 -1.09 2.23 7.58
C VAL B 84 -0.39 3.55 7.29
N LEU B 85 0.89 3.64 7.63
CA LEU B 85 1.69 4.83 7.38
C LEU B 85 1.72 5.12 5.90
N LEU B 86 2.09 4.13 5.10
CA LEU B 86 2.14 4.23 3.66
C LEU B 86 0.79 4.71 3.12
N LEU B 87 -0.28 4.10 3.59
CA LEU B 87 -1.61 4.44 3.16
C LEU B 87 -1.92 5.90 3.47
N CYS B 88 -1.56 6.34 4.68
CA CYS B 88 -1.72 7.73 5.07
C CYS B 88 -0.91 8.65 4.16
N LEU B 89 0.33 8.27 3.84
CA LEU B 89 1.13 9.06 2.92
C LEU B 89 0.47 9.13 1.54
N ILE B 90 -0.13 8.03 1.09
CA ILE B 90 -0.82 7.99 -0.20
C ILE B 90 -2.08 8.87 -0.13
N PHE B 91 -2.89 8.74 0.90
CA PHE B 91 -4.02 9.64 1.09
C PHE B 91 -3.57 11.11 1.09
N LEU B 92 -2.46 11.44 1.75
CA LEU B 92 -1.93 12.80 1.83
C LEU B 92 -1.49 13.28 0.44
N LEU B 93 -0.84 12.42 -0.32
CA LEU B 93 -0.54 12.72 -1.72
C LEU B 93 -1.83 13.02 -2.50
N VAL B 94 -2.91 12.27 -2.29
CA VAL B 94 -4.19 12.63 -2.89
C VAL B 94 -4.72 14.00 -2.45
N LEU B 95 -4.41 14.49 -1.24
CA LEU B 95 -4.79 15.85 -0.84
C LEU B 95 -3.96 16.90 -1.60
N LEU B 96 -2.66 16.68 -1.74
CA LEU B 96 -1.78 17.51 -2.57
C LEU B 96 -2.30 17.56 -4.01
N ASP B 97 -2.79 16.44 -4.50
CA ASP B 97 -3.43 16.34 -5.80
C ASP B 97 -4.75 17.11 -5.89
N TRP B 98 -5.83 16.57 -5.32
CA TRP B 98 -7.21 17.00 -5.53
C TRP B 98 -7.50 18.40 -4.95
N ALA B 153 -3.22 18.52 -9.31
CA ALA B 153 -1.96 19.12 -9.69
C ALA B 153 -0.82 18.15 -9.68
N LEU B 154 -0.71 17.37 -8.60
CA LEU B 154 0.33 16.34 -8.42
C LEU B 154 0.26 15.32 -9.54
N GLY B 155 -0.95 14.86 -9.87
CA GLY B 155 -1.20 13.89 -10.93
C GLY B 155 -0.65 14.41 -12.25
N ASN B 156 -0.99 15.62 -12.61
CA ASN B 156 -0.49 16.22 -13.86
C ASN B 156 1.03 16.43 -13.84
N TYR B 157 1.58 16.92 -12.74
CA TYR B 157 3.00 17.23 -12.59
C TYR B 157 3.88 15.99 -12.88
N LEU B 158 3.53 14.87 -12.24
CA LEU B 158 4.24 13.63 -12.47
C LEU B 158 3.94 13.08 -13.86
N TRP B 159 2.70 13.12 -14.29
CA TRP B 159 2.21 12.57 -15.56
C TRP B 159 2.87 13.25 -16.77
N GLU B 160 3.21 14.54 -16.64
CA GLU B 160 4.05 15.31 -17.55
C GLU B 160 5.49 14.79 -17.54
N TRP B 161 6.11 14.63 -16.38
CA TRP B 161 7.45 14.08 -16.33
C TRP B 161 7.51 12.65 -16.91
N ALA B 162 6.48 11.86 -16.64
CA ALA B 162 6.25 10.55 -17.27
C ALA B 162 6.18 10.59 -18.80
N LEU B 163 5.71 11.70 -19.39
CA LEU B 163 5.79 11.86 -20.84
C LEU B 163 7.21 11.68 -21.35
N ALA B 164 8.21 12.05 -20.56
CA ALA B 164 9.60 11.79 -20.91
C ALA B 164 9.83 10.28 -21.18
N ARG B 165 9.20 9.37 -20.42
CA ARG B 165 9.06 7.96 -20.81
C ARG B 165 8.03 7.53 -21.87
N PHE B 166 6.88 8.18 -21.98
CA PHE B 166 5.76 7.75 -22.87
C PHE B 166 6.18 7.61 -24.34
N SER B 167 6.32 6.41 -24.91
CA SER B 167 6.10 6.31 -26.38
C SER B 167 4.63 6.08 -26.79
N TRP B 168 4.13 4.88 -26.51
CA TRP B 168 2.77 4.50 -26.84
C TRP B 168 1.77 5.17 -25.92
N LEU B 169 2.17 5.39 -24.67
CA LEU B 169 1.21 5.76 -23.61
C LEU B 169 0.38 6.97 -23.98
N ASN B 170 0.96 7.91 -24.73
CA ASN B 170 0.21 9.05 -25.21
C ASN B 170 -1.00 8.63 -26.03
N LEU B 171 -0.82 7.67 -26.96
CA LEU B 171 -1.93 7.11 -27.77
C LEU B 171 -2.84 6.18 -26.95
N LEU B 172 -2.29 5.48 -25.98
CA LEU B 172 -3.04 4.55 -25.18
C LEU B 172 -3.98 5.21 -24.17
N VAL B 173 -3.66 6.37 -23.61
CA VAL B 173 -4.61 7.01 -22.69
C VAL B 173 -5.91 7.32 -23.43
N PRO B 174 -5.92 7.92 -24.61
CA PRO B 174 -7.16 8.07 -25.37
C PRO B 174 -7.87 6.73 -25.65
N LEU B 175 -7.11 5.68 -25.98
CA LEU B 175 -7.72 4.36 -26.18
C LEU B 175 -8.48 3.92 -24.91
N LEU B 176 -7.85 4.07 -23.76
CA LEU B 176 -8.51 3.75 -22.50
C LEU B 176 -9.72 4.68 -22.31
N GLN B 177 -9.62 5.93 -22.72
CA GLN B 177 -10.75 6.85 -22.88
C GLN B 177 -11.84 6.38 -23.82
N TRP B 178 -11.65 5.50 -24.79
CA TRP B 178 -12.78 4.87 -25.52
C TRP B 178 -13.76 4.16 -24.54
N LEU B 179 -13.23 3.41 -23.58
CA LEU B 179 -13.99 2.97 -22.39
C LEU B 179 -14.27 4.15 -21.44
N GLY B 180 -13.38 5.14 -21.37
CA GLY B 180 -13.53 6.32 -20.54
C GLY B 180 -14.84 7.06 -20.82
N GLY B 181 -15.21 7.18 -22.10
CA GLY B 181 -16.48 7.76 -22.60
C GLY B 181 -17.73 7.05 -22.11
N ILE B 182 -17.66 5.72 -21.91
CA ILE B 182 -18.67 4.83 -21.31
C ILE B 182 -18.59 5.05 -19.79
N SER B 183 -18.67 6.34 -19.39
CA SER B 183 -18.05 6.82 -18.14
C SER B 183 -18.71 6.61 -16.79
N LEU B 184 -19.83 7.27 -16.54
CA LEU B 184 -20.06 7.58 -15.15
C LEU B 184 -20.60 6.38 -14.38
N ILE B 185 -21.75 5.93 -14.84
CA ILE B 185 -22.34 4.67 -14.47
C ILE B 185 -21.57 3.54 -15.14
N ALA B 186 -21.35 3.64 -16.46
CA ALA B 186 -20.89 2.49 -17.22
C ALA B 186 -19.47 1.98 -16.88
N TRP B 187 -18.55 2.84 -16.41
CA TRP B 187 -17.35 2.32 -15.74
C TRP B 187 -17.75 1.40 -14.59
N PHE B 188 -18.63 1.85 -13.70
CA PHE B 188 -19.01 1.01 -12.58
C PHE B 188 -19.65 -0.29 -13.07
N LEU B 189 -20.46 -0.25 -14.14
CA LEU B 189 -21.05 -1.45 -14.73
C LEU B 189 -19.96 -2.42 -15.20
N LEU B 190 -18.95 -1.90 -15.89
CA LEU B 190 -17.88 -2.71 -16.36
C LEU B 190 -17.16 -3.37 -15.20
N ILE B 191 -16.78 -2.57 -14.19
CA ILE B 191 -16.07 -3.08 -13.03
C ILE B 191 -16.90 -4.17 -12.34
N TRP B 192 -18.19 -3.88 -12.11
CA TRP B 192 -19.05 -4.77 -11.35
C TRP B 192 -19.17 -6.11 -12.08
N MET B 193 -19.50 -6.09 -13.37
CA MET B 193 -19.63 -7.33 -14.12
C MET B 193 -18.31 -8.05 -14.21
N ILE B 194 -17.21 -7.32 -14.39
CA ILE B 194 -15.89 -7.90 -14.41
C ILE B 194 -15.57 -8.64 -13.13
N TRP B 195 -15.99 -8.14 -11.98
CA TRP B 195 -15.78 -8.89 -10.75
C TRP B 195 -16.72 -10.08 -10.68
N PHE B 196 -18.02 -9.82 -10.90
CA PHE B 196 -19.06 -10.78 -10.64
C PHE B 196 -18.91 -12.03 -11.49
N TRP B 197 -18.69 -11.83 -12.77
CA TRP B 197 -18.35 -12.88 -13.71
C TRP B 197 -16.93 -13.40 -13.54
N GLY B 198 -16.04 -12.53 -13.11
CA GLY B 198 -14.62 -12.62 -13.34
C GLY B 198 -14.05 -13.96 -12.89
N PRO B 199 -14.35 -14.44 -11.67
CA PRO B 199 -13.90 -15.75 -11.24
C PRO B 199 -14.28 -16.89 -12.16
N ALA B 200 -15.56 -16.94 -12.52
CA ALA B 200 -15.99 -17.95 -13.47
C ALA B 200 -15.24 -17.79 -14.78
N LEU B 201 -15.20 -16.58 -15.33
CA LEU B 201 -14.48 -16.30 -16.57
C LEU B 201 -13.04 -16.74 -16.46
N LEU B 202 -12.33 -16.47 -15.36
CA LEU B 202 -10.92 -16.79 -15.16
C LEU B 202 -10.68 -18.30 -15.14
N SER B 203 -11.65 -19.09 -14.67
CA SER B 203 -11.53 -20.53 -14.83
C SER B 203 -11.68 -20.93 -16.30
N ILE B 204 -12.68 -20.35 -16.93
CA ILE B 204 -13.08 -20.55 -18.31
C ILE B 204 -11.97 -20.05 -19.22
N LEU B 205 -11.21 -19.03 -18.82
CA LEU B 205 -10.32 -18.26 -19.67
C LEU B 205 -9.23 -19.11 -20.33
N PRO B 206 -8.41 -19.93 -19.66
CA PRO B 206 -7.51 -20.85 -20.37
C PRO B 206 -8.25 -21.83 -21.32
N PRO B 207 -9.39 -22.43 -20.92
CA PRO B 207 -10.24 -23.17 -21.84
C PRO B 207 -10.74 -22.38 -23.06
N PHE B 208 -11.02 -21.10 -22.87
CA PHE B 208 -11.62 -20.23 -23.86
C PHE B 208 -10.56 -19.64 -24.79
N ILE B 209 -9.37 -19.36 -24.28
CA ILE B 209 -8.30 -18.69 -25.04
C ILE B 209 -7.99 -19.41 -26.35
N PRO B 210 -7.92 -20.76 -26.46
CA PRO B 210 -7.59 -21.37 -27.73
C PRO B 210 -8.61 -21.02 -28.79
N ILE B 211 -9.91 -21.21 -28.49
CA ILE B 211 -10.95 -20.93 -29.47
C ILE B 211 -11.05 -19.42 -29.71
N PHE B 212 -10.86 -18.60 -28.68
CA PHE B 212 -10.99 -17.15 -28.82
C PHE B 212 -9.91 -16.58 -29.73
N VAL B 213 -8.67 -16.94 -29.46
CA VAL B 213 -7.52 -16.49 -30.22
C VAL B 213 -7.64 -17.05 -31.62
N LEU B 214 -8.09 -18.30 -31.76
CA LEU B 214 -8.31 -18.91 -33.04
C LEU B 214 -9.33 -18.11 -33.83
N PHE B 215 -10.38 -17.64 -33.21
CA PHE B 215 -11.40 -16.85 -33.90
C PHE B 215 -10.79 -15.53 -34.43
N PHE B 216 -10.07 -14.75 -33.60
CA PHE B 216 -9.50 -13.50 -34.08
C PHE B 216 -8.47 -13.74 -35.19
N LEU B 217 -7.59 -14.71 -35.01
CA LEU B 217 -6.64 -15.06 -36.03
C LEU B 217 -7.38 -15.44 -37.31
N ILE B 218 -8.48 -16.20 -37.24
CA ILE B 218 -9.27 -16.48 -38.44
C ILE B 218 -9.83 -15.22 -39.05
N TRP B 219 -10.24 -14.20 -38.29
CA TRP B 219 -10.75 -12.94 -38.86
C TRP B 219 -9.64 -12.17 -39.61
N VAL B 220 -8.40 -12.28 -39.17
CA VAL B 220 -7.20 -11.81 -39.87
C VAL B 220 -6.82 -12.72 -41.05
N TYR B 221 -7.06 -14.04 -41.00
CA TYR B 221 -6.82 -15.00 -42.09
C TYR B 221 -7.84 -14.83 -43.21
N ILE B 222 -9.06 -14.44 -42.87
CA ILE B 222 -10.11 -13.96 -43.80
C ILE B 222 -9.59 -12.77 -44.60
#